data_1E7W
#
_entry.id   1E7W
#
_cell.length_a   80.312
_cell.length_b   80.800
_cell.length_c   90.747
_cell.angle_alpha   90.00
_cell.angle_beta   90.00
_cell.angle_gamma   90.00
#
_symmetry.space_group_name_H-M   'P 21 21 2'
#
loop_
_entity.id
_entity.type
_entity.pdbx_description
1 polymer 'PTERIDINE REDUCTASE'
2 non-polymer 'NADPH DIHYDRO-NICOTINAMIDE-ADENINE-DINUCLEOTIDE PHOSPHATE'
3 non-polymer METHOTREXATE
4 non-polymer 1,2-ETHANEDIOL
5 water water
#
_entity_poly.entity_id   1
_entity_poly.type   'polypeptide(L)'
_entity_poly.pdbx_seq_one_letter_code
;GSHMTAPTVPVALVTGAAKRLGRSIAEGLHAEGYAVCLHYHRSAAEANALSATLNARRPNSAITVQADLSNVATAPVSGA
DGSAPVTLFTRCAELVAACYTHWGRCDVLVNNASSFYPTPLLRNDEDGHEPCVGDREAMETATADLFGSNAIAPYFLIKA
FAHRVAGTPAKHRGTNYSIINMVDAMTNQPLLGYTIYTMAKGALEGLTRSAALELAPLQIRVNGVGPGLSVLVDDMPPAV
WEGHRSKVPLYQRDSSAAEVSDVVIFLCSSKAKYITGTCVKVDGGYSLTRA
;
_entity_poly.pdbx_strand_id   A,B
#
loop_
_chem_comp.id
_chem_comp.type
_chem_comp.name
_chem_comp.formula
EDO non-polymer 1,2-ETHANEDIOL 'C2 H6 O2'
MTX non-polymer METHOTREXATE 'C20 H22 N8 O5'
NDP non-polymer 'NADPH DIHYDRO-NICOTINAMIDE-ADENINE-DINUCLEOTIDE PHOSPHATE' 'C21 H30 N7 O17 P3'
#
# COMPACT_ATOMS: atom_id res chain seq x y z
N THR A 8 16.04 -21.19 -26.75
CA THR A 8 15.09 -20.05 -26.84
C THR A 8 15.62 -18.83 -26.07
N VAL A 9 15.28 -17.63 -26.55
CA VAL A 9 15.75 -16.41 -25.89
C VAL A 9 14.60 -15.75 -25.13
N PRO A 10 14.63 -15.89 -23.81
CA PRO A 10 13.56 -15.29 -23.00
C PRO A 10 13.77 -13.75 -22.95
N VAL A 11 12.69 -13.07 -22.59
CA VAL A 11 12.76 -11.59 -22.54
C VAL A 11 12.40 -11.08 -21.13
N ALA A 12 13.11 -10.04 -20.65
CA ALA A 12 12.77 -9.44 -19.38
C ALA A 12 12.42 -7.94 -19.57
N LEU A 13 11.39 -7.52 -18.86
CA LEU A 13 11.03 -6.08 -18.83
C LEU A 13 11.48 -5.58 -17.45
N VAL A 14 12.37 -4.59 -17.43
CA VAL A 14 12.86 -4.05 -16.18
C VAL A 14 12.47 -2.57 -16.06
N THR A 15 11.72 -2.22 -15.03
CA THR A 15 11.31 -0.79 -14.93
C THR A 15 12.40 0.00 -14.22
N GLY A 16 12.51 1.32 -14.59
CA GLY A 16 13.60 2.11 -13.95
C GLY A 16 14.97 1.50 -14.21
N ALA A 17 15.27 1.05 -15.44
CA ALA A 17 16.49 0.32 -15.72
C ALA A 17 17.70 1.14 -16.15
N ALA A 18 17.52 2.49 -16.19
CA ALA A 18 18.70 3.24 -16.73
C ALA A 18 19.94 3.29 -15.90
N LYS A 19 19.87 3.22 -14.56
CA LYS A 19 21.00 3.31 -13.68
C LYS A 19 20.87 2.55 -12.35
N ARG A 20 21.90 2.66 -11.52
CA ARG A 20 21.87 2.11 -10.18
C ARG A 20 21.38 0.66 -10.11
N LEU A 21 20.45 0.36 -9.22
CA LEU A 21 20.03 -1.05 -9.13
C LEU A 21 19.39 -1.62 -10.36
N GLY A 22 18.48 -0.87 -11.00
CA GLY A 22 17.78 -1.31 -12.18
C GLY A 22 18.74 -1.65 -13.30
N ARG A 23 19.77 -0.78 -13.50
CA ARG A 23 20.74 -1.10 -14.56
C ARG A 23 21.50 -2.39 -14.18
N SER A 24 21.83 -2.57 -12.91
CA SER A 24 22.57 -3.83 -12.57
C SER A 24 21.64 -5.04 -12.79
N ILE A 25 20.35 -4.91 -12.48
CA ILE A 25 19.41 -6.02 -12.76
C ILE A 25 19.30 -6.29 -14.25
N ALA A 26 19.17 -5.24 -15.09
CA ALA A 26 19.17 -5.50 -16.53
C ALA A 26 20.46 -6.15 -17.03
N GLU A 27 21.59 -5.69 -16.57
CA GLU A 27 22.87 -6.25 -16.99
C GLU A 27 22.99 -7.71 -16.56
N GLY A 28 22.53 -7.95 -15.33
CA GLY A 28 22.60 -9.36 -14.82
C GLY A 28 21.74 -10.31 -15.59
N LEU A 29 20.53 -9.87 -15.95
CA LEU A 29 19.65 -10.72 -16.74
C LEU A 29 20.25 -10.91 -18.13
N HIS A 30 20.75 -9.82 -18.72
CA HIS A 30 21.35 -9.95 -20.08
C HIS A 30 22.52 -10.93 -20.10
N ALA A 31 23.30 -10.96 -19.03
CA ALA A 31 24.45 -11.85 -18.90
C ALA A 31 23.98 -13.30 -18.88
N GLU A 32 22.76 -13.57 -18.42
CA GLU A 32 22.22 -14.91 -18.41
C GLU A 32 21.58 -15.29 -19.75
N GLY A 33 21.53 -14.37 -20.72
CA GLY A 33 20.95 -14.71 -22.01
C GLY A 33 19.64 -14.05 -22.37
N TYR A 34 19.05 -13.26 -21.42
CA TYR A 34 17.79 -12.64 -21.73
C TYR A 34 17.94 -11.40 -22.66
N ALA A 35 16.91 -11.25 -23.46
CA ALA A 35 16.81 -9.98 -24.26
C ALA A 35 16.13 -9.08 -23.21
N VAL A 36 16.45 -7.79 -23.12
CA VAL A 36 15.84 -6.94 -22.07
C VAL A 36 15.21 -5.67 -22.65
N CYS A 37 14.05 -5.33 -22.12
CA CYS A 37 13.35 -4.09 -22.46
C CYS A 37 13.58 -3.18 -21.25
N LEU A 38 14.29 -2.09 -21.51
CA LEU A 38 14.76 -1.12 -20.55
C LEU A 38 13.84 0.06 -20.46
N HIS A 39 13.02 0.10 -19.41
CA HIS A 39 12.08 1.22 -19.25
C HIS A 39 12.75 2.35 -18.49
N TYR A 40 12.46 3.63 -18.91
CA TYR A 40 12.96 4.80 -18.23
C TYR A 40 11.87 5.88 -18.24
N HIS A 41 12.03 6.88 -17.38
CA HIS A 41 11.12 8.00 -17.28
C HIS A 41 11.94 9.28 -17.67
N ARG A 42 12.85 9.69 -16.86
CA ARG A 42 13.63 10.92 -17.25
C ARG A 42 15.04 10.60 -17.77
N SER A 43 15.60 9.41 -17.50
CA SER A 43 16.96 9.10 -17.88
C SER A 43 17.15 8.45 -19.23
N ALA A 44 16.63 9.19 -20.25
CA ALA A 44 16.68 8.76 -21.62
C ALA A 44 18.08 8.47 -22.15
N ALA A 45 19.02 9.42 -22.02
CA ALA A 45 20.36 9.25 -22.51
C ALA A 45 21.06 8.02 -21.92
N GLU A 46 20.95 7.87 -20.61
CA GLU A 46 21.52 6.77 -19.87
C GLU A 46 20.90 5.44 -20.30
N ALA A 47 19.57 5.42 -20.44
CA ALA A 47 18.95 4.17 -20.90
C ALA A 47 19.42 3.78 -22.28
N ASN A 48 19.50 4.77 -23.20
CA ASN A 48 19.93 4.51 -24.57
C ASN A 48 21.38 4.12 -24.69
N ALA A 49 22.21 4.68 -23.80
CA ALA A 49 23.63 4.27 -23.80
C ALA A 49 23.71 2.79 -23.37
N LEU A 50 22.98 2.47 -22.26
CA LEU A 50 23.06 1.05 -21.82
C LEU A 50 22.61 0.10 -22.91
N SER A 51 21.56 0.47 -23.63
CA SER A 51 20.97 -0.27 -24.72
C SER A 51 22.03 -0.47 -25.80
N ALA A 52 22.75 0.61 -26.16
CA ALA A 52 23.80 0.37 -27.19
C ALA A 52 24.87 -0.60 -26.71
N THR A 53 25.25 -0.46 -25.42
CA THR A 53 26.28 -1.35 -24.90
C THR A 53 25.82 -2.81 -24.96
N LEU A 54 24.57 -3.05 -24.59
CA LEU A 54 24.08 -4.43 -24.63
C LEU A 54 23.97 -4.98 -26.04
N ASN A 55 23.47 -4.18 -26.98
CA ASN A 55 23.32 -4.66 -28.37
C ASN A 55 24.68 -4.83 -29.05
N ALA A 56 25.70 -4.15 -28.57
CA ALA A 56 27.03 -4.32 -29.18
C ALA A 56 27.56 -5.69 -28.77
N ARG A 57 27.25 -6.14 -27.56
CA ARG A 57 27.67 -7.46 -27.06
C ARG A 57 26.89 -8.56 -27.75
N ARG A 58 25.60 -8.33 -27.96
CA ARG A 58 24.73 -9.32 -28.63
C ARG A 58 23.66 -8.59 -29.39
N PRO A 59 23.66 -8.64 -30.72
CA PRO A 59 22.69 -7.91 -31.50
C PRO A 59 21.25 -8.26 -31.21
N ASN A 60 20.40 -7.24 -31.24
CA ASN A 60 18.98 -7.27 -31.03
C ASN A 60 18.62 -7.91 -29.68
N SER A 61 19.33 -7.49 -28.66
CA SER A 61 19.11 -8.03 -27.31
C SER A 61 18.66 -6.98 -26.32
N ALA A 62 18.49 -5.73 -26.78
CA ALA A 62 18.02 -4.70 -25.88
C ALA A 62 17.20 -3.61 -26.56
N ILE A 63 16.15 -3.15 -25.94
CA ILE A 63 15.34 -2.05 -26.48
C ILE A 63 14.99 -1.12 -25.32
N THR A 64 14.59 0.13 -25.64
CA THR A 64 14.21 1.07 -24.61
C THR A 64 12.81 1.60 -24.85
N VAL A 65 12.07 1.82 -23.77
CA VAL A 65 10.73 2.36 -23.76
C VAL A 65 10.56 3.36 -22.61
N GLN A 66 9.92 4.49 -22.93
CA GLN A 66 9.67 5.55 -21.95
C GLN A 66 8.26 5.57 -21.37
N ALA A 67 8.20 5.87 -20.07
CA ALA A 67 6.93 6.04 -19.41
C ALA A 67 6.95 6.62 -18.01
N ASP A 68 5.98 7.52 -17.80
CA ASP A 68 5.78 8.10 -16.48
C ASP A 68 4.85 7.06 -15.78
N LEU A 69 5.32 6.50 -14.68
CA LEU A 69 4.54 5.50 -13.96
C LEU A 69 3.78 6.09 -12.81
N SER A 70 3.74 7.46 -12.76
CA SER A 70 2.93 8.06 -11.70
C SER A 70 1.45 7.80 -12.02
N ASN A 71 0.57 7.74 -11.05
CA ASN A 71 -0.85 7.49 -11.27
C ASN A 71 -1.56 8.77 -11.78
N VAL A 72 -1.15 9.25 -12.92
CA VAL A 72 -1.71 10.42 -13.57
C VAL A 72 -1.98 10.11 -15.05
N ALA A 73 -2.87 10.93 -15.62
CA ALA A 73 -3.18 10.79 -17.04
C ALA A 73 -2.19 11.60 -17.84
N THR A 74 -1.77 11.17 -19.04
CA THR A 74 -0.80 11.94 -19.80
C THR A 74 -1.39 12.27 -21.18
N ALA A 75 -0.73 13.15 -21.92
CA ALA A 75 -1.22 13.51 -23.26
C ALA A 75 -0.81 12.42 -24.25
N PRO A 76 -1.66 12.12 -25.23
CA PRO A 76 -1.38 11.10 -26.22
C PRO A 76 -0.17 11.43 -27.09
N VAL A 77 0.47 10.40 -27.64
CA VAL A 77 1.64 10.56 -28.50
C VAL A 77 1.33 10.51 -29.99
N SER A 78 0.14 10.97 -30.36
CA SER A 78 -0.28 10.97 -31.77
C SER A 78 -1.51 11.83 -31.97
N SER A 83 -6.77 9.94 -29.03
CA SER A 83 -7.34 11.26 -28.86
C SER A 83 -7.35 11.74 -27.42
N ALA A 84 -8.01 11.00 -26.53
CA ALA A 84 -8.08 11.42 -25.13
C ALA A 84 -6.84 11.12 -24.32
N PRO A 85 -6.75 11.72 -23.14
CA PRO A 85 -5.62 11.54 -22.24
C PRO A 85 -5.46 10.07 -21.90
N VAL A 86 -4.22 9.62 -21.87
CA VAL A 86 -3.82 8.23 -21.61
C VAL A 86 -3.71 7.93 -20.12
N THR A 87 -4.27 6.82 -19.67
CA THR A 87 -4.25 6.47 -18.26
C THR A 87 -3.02 5.63 -17.88
N LEU A 88 -2.64 5.64 -16.61
CA LEU A 88 -1.49 4.77 -16.22
C LEU A 88 -1.70 3.34 -16.70
N PHE A 89 -2.92 2.84 -16.54
CA PHE A 89 -3.20 1.47 -16.98
C PHE A 89 -2.76 1.26 -18.41
N THR A 90 -3.17 2.14 -19.34
CA THR A 90 -2.75 2.01 -20.73
C THR A 90 -1.25 2.02 -20.94
N ARG A 91 -0.55 2.96 -20.30
CA ARG A 91 0.91 3.06 -20.43
C ARG A 91 1.55 1.74 -19.96
N CYS A 92 1.03 1.20 -18.85
CA CYS A 92 1.60 -0.08 -18.38
C CYS A 92 1.39 -1.17 -19.41
N ALA A 93 0.15 -1.29 -19.90
CA ALA A 93 -0.14 -2.32 -20.92
C ALA A 93 0.75 -2.15 -22.15
N GLU A 94 1.02 -0.88 -22.53
CA GLU A 94 1.91 -0.65 -23.67
C GLU A 94 3.35 -1.06 -23.42
N LEU A 95 3.88 -1.06 -22.21
CA LEU A 95 5.21 -1.48 -21.84
C LEU A 95 5.33 -3.00 -22.05
N VAL A 96 4.35 -3.71 -21.56
CA VAL A 96 4.35 -5.18 -21.75
C VAL A 96 4.21 -5.47 -23.25
N ALA A 97 3.33 -4.74 -23.91
CA ALA A 97 3.10 -4.92 -25.34
C ALA A 97 4.36 -4.75 -26.16
N ALA A 98 5.19 -3.78 -25.75
CA ALA A 98 6.42 -3.55 -26.49
C ALA A 98 7.26 -4.81 -26.58
N CYS A 99 7.27 -5.61 -25.48
CA CYS A 99 8.03 -6.84 -25.51
C CYS A 99 7.45 -7.87 -26.49
N TYR A 100 6.13 -7.96 -26.54
CA TYR A 100 5.56 -8.98 -27.46
C TYR A 100 5.74 -8.49 -28.89
N THR A 101 5.54 -7.18 -29.08
CA THR A 101 5.70 -6.65 -30.46
C THR A 101 7.10 -6.88 -30.96
N HIS A 102 8.14 -6.65 -30.17
CA HIS A 102 9.49 -6.83 -30.65
C HIS A 102 10.02 -8.24 -30.70
N TRP A 103 9.75 -9.05 -29.66
CA TRP A 103 10.31 -10.40 -29.57
C TRP A 103 9.32 -11.53 -29.39
N GLY A 104 8.05 -11.30 -29.33
CA GLY A 104 6.92 -12.15 -29.20
C GLY A 104 6.74 -12.81 -27.83
N ARG A 105 7.32 -12.20 -26.81
CA ARG A 105 7.17 -12.83 -25.46
C ARG A 105 7.64 -11.88 -24.38
N CYS A 106 7.26 -12.21 -23.12
CA CYS A 106 7.72 -11.42 -21.97
C CYS A 106 7.75 -12.47 -20.80
N ASP A 107 8.95 -12.91 -20.49
CA ASP A 107 9.07 -13.98 -19.46
C ASP A 107 9.24 -13.50 -18.04
N VAL A 108 9.92 -12.37 -17.95
CA VAL A 108 10.24 -11.82 -16.61
C VAL A 108 9.82 -10.34 -16.55
N LEU A 109 9.31 -9.96 -15.40
CA LEU A 109 8.95 -8.52 -15.14
C LEU A 109 9.62 -8.16 -13.81
N VAL A 110 10.43 -7.09 -13.74
CA VAL A 110 11.07 -6.63 -12.54
C VAL A 110 10.53 -5.22 -12.25
N ASN A 111 9.70 -5.11 -11.22
CA ASN A 111 9.13 -3.77 -10.85
C ASN A 111 10.10 -3.06 -9.92
N ASN A 112 11.02 -2.28 -10.54
CA ASN A 112 12.11 -1.61 -9.83
C ASN A 112 11.94 -0.09 -9.75
N ALA A 113 11.34 0.50 -10.77
CA ALA A 113 11.08 1.95 -10.75
C ALA A 113 10.36 2.41 -9.49
N SER A 114 10.88 3.52 -8.91
CA SER A 114 10.32 4.01 -7.68
C SER A 114 10.79 5.43 -7.29
N SER A 115 9.79 6.22 -6.97
CA SER A 115 10.08 7.57 -6.47
C SER A 115 10.21 7.47 -4.96
N PHE A 116 11.02 8.38 -4.37
CA PHE A 116 11.28 8.34 -2.93
C PHE A 116 11.70 9.78 -2.47
N TYR A 117 10.84 10.36 -1.68
CA TYR A 117 11.10 11.71 -1.10
C TYR A 117 10.11 11.90 0.01
N PRO A 118 10.36 12.85 0.94
CA PRO A 118 9.50 13.04 2.08
C PRO A 118 8.08 13.50 1.80
N THR A 119 7.22 13.14 2.72
CA THR A 119 5.82 13.50 2.85
C THR A 119 5.55 13.60 4.34
N PRO A 120 6.06 14.67 4.98
CA PRO A 120 5.95 14.84 6.41
C PRO A 120 4.51 15.02 6.86
N LEU A 121 4.21 14.50 8.02
CA LEU A 121 2.89 14.59 8.62
C LEU A 121 2.81 15.89 9.45
N LEU A 122 3.96 16.34 9.95
CA LEU A 122 3.96 17.59 10.73
C LEU A 122 4.81 18.62 9.96
N ARG A 136 0.06 22.39 -1.82
CA ARG A 136 -1.35 22.18 -2.14
C ARG A 136 -1.49 21.14 -3.25
N GLU A 137 -1.07 21.57 -4.43
CA GLU A 137 -1.08 20.72 -5.62
C GLU A 137 0.11 19.77 -5.56
N ALA A 138 1.10 20.16 -4.75
CA ALA A 138 2.30 19.34 -4.58
C ALA A 138 1.95 18.04 -3.87
N MET A 139 1.02 18.10 -2.93
CA MET A 139 0.61 16.90 -2.20
C MET A 139 -0.12 15.89 -3.07
N GLU A 140 -0.87 16.40 -4.05
CA GLU A 140 -1.62 15.50 -4.92
C GLU A 140 -0.67 14.84 -5.90
N THR A 141 0.30 15.62 -6.39
CA THR A 141 1.26 15.05 -7.32
C THR A 141 2.18 14.09 -6.56
N ALA A 142 2.56 14.40 -5.31
CA ALA A 142 3.38 13.45 -4.56
C ALA A 142 2.61 12.14 -4.33
N THR A 143 1.35 12.20 -3.97
CA THR A 143 0.56 10.96 -3.73
C THR A 143 0.48 10.11 -4.99
N ALA A 144 0.20 10.75 -6.13
CA ALA A 144 0.11 9.99 -7.37
C ALA A 144 1.48 9.47 -7.80
N ASP A 145 2.56 10.20 -7.62
CA ASP A 145 3.87 9.75 -8.09
C ASP A 145 4.40 8.64 -7.14
N LEU A 146 4.32 8.87 -5.86
CA LEU A 146 4.86 7.88 -4.90
C LEU A 146 3.99 6.64 -4.93
N PHE A 147 2.67 6.76 -4.87
CA PHE A 147 1.87 5.50 -4.93
C PHE A 147 1.88 4.88 -6.32
N GLY A 148 1.89 5.71 -7.38
CA GLY A 148 1.87 5.09 -8.71
C GLY A 148 3.10 4.28 -9.02
N SER A 149 4.30 4.87 -8.82
CA SER A 149 5.52 4.18 -9.17
C SER A 149 5.75 2.92 -8.30
N ASN A 150 5.48 3.04 -7.02
CA ASN A 150 5.80 1.96 -6.09
C ASN A 150 4.70 0.91 -5.96
N ALA A 151 3.50 1.21 -6.40
CA ALA A 151 2.43 0.25 -6.18
C ALA A 151 1.37 0.13 -7.24
N ILE A 152 0.75 1.23 -7.65
CA ILE A 152 -0.33 1.11 -8.66
C ILE A 152 0.21 0.65 -10.02
N ALA A 153 1.34 1.19 -10.48
CA ALA A 153 1.96 0.79 -11.75
C ALA A 153 2.37 -0.69 -11.71
N PRO A 154 3.08 -1.16 -10.68
CA PRO A 154 3.38 -2.59 -10.52
C PRO A 154 2.07 -3.39 -10.65
N TYR A 155 0.97 -2.97 -10.00
CA TYR A 155 -0.31 -3.68 -10.15
C TYR A 155 -0.76 -3.82 -11.60
N PHE A 156 -0.74 -2.66 -12.35
CA PHE A 156 -1.19 -2.71 -13.73
C PHE A 156 -0.25 -3.47 -14.65
N LEU A 157 1.06 -3.41 -14.36
CA LEU A 157 2.07 -4.14 -15.14
C LEU A 157 1.86 -5.64 -14.93
N ILE A 158 1.65 -6.07 -13.68
CA ILE A 158 1.43 -7.51 -13.43
C ILE A 158 0.15 -8.00 -14.13
N LYS A 159 -0.89 -7.19 -14.10
CA LYS A 159 -2.17 -7.48 -14.77
C LYS A 159 -2.01 -7.62 -16.25
N ALA A 160 -1.26 -6.70 -16.90
CA ALA A 160 -0.99 -6.80 -18.34
C ALA A 160 -0.12 -8.04 -18.61
N PHE A 161 0.90 -8.28 -17.79
CA PHE A 161 1.77 -9.42 -17.97
C PHE A 161 0.97 -10.74 -17.93
N ALA A 162 0.12 -10.84 -16.93
CA ALA A 162 -0.69 -12.08 -16.77
C ALA A 162 -1.69 -12.23 -17.92
N HIS A 163 -2.29 -11.14 -18.33
CA HIS A 163 -3.24 -11.18 -19.47
CA HIS A 163 -3.24 -11.20 -19.46
C HIS A 163 -2.57 -11.71 -20.72
N ARG A 164 -1.34 -11.29 -20.99
CA ARG A 164 -0.61 -11.74 -22.17
C ARG A 164 -0.22 -13.20 -22.09
N VAL A 165 0.10 -13.72 -20.88
CA VAL A 165 0.44 -15.16 -20.80
C VAL A 165 -0.89 -15.93 -20.96
N ALA A 166 -1.94 -15.52 -20.35
CA ALA A 166 -3.24 -16.16 -20.42
C ALA A 166 -3.74 -16.20 -21.87
N GLY A 167 -3.47 -15.19 -22.69
CA GLY A 167 -3.89 -15.18 -24.09
C GLY A 167 -2.98 -16.00 -25.00
N THR A 168 -1.88 -16.52 -24.52
CA THR A 168 -0.92 -17.31 -25.29
C THR A 168 -1.34 -18.76 -25.19
N PRO A 169 -1.51 -19.39 -26.35
CA PRO A 169 -1.86 -20.81 -26.34
C PRO A 169 -0.84 -21.50 -25.42
N ALA A 170 -1.32 -22.37 -24.54
CA ALA A 170 -0.45 -23.07 -23.63
C ALA A 170 0.74 -23.72 -24.29
N LYS A 171 0.56 -24.30 -25.49
CA LYS A 171 1.67 -24.96 -26.13
C LYS A 171 2.75 -23.96 -26.50
N HIS A 172 2.46 -22.64 -26.46
CA HIS A 172 3.50 -21.68 -26.81
C HIS A 172 3.98 -20.85 -25.60
N ARG A 173 3.40 -21.07 -24.44
CA ARG A 173 3.86 -20.33 -23.25
C ARG A 173 5.27 -20.76 -22.88
N GLY A 174 6.02 -19.78 -22.30
CA GLY A 174 7.35 -20.08 -21.80
C GLY A 174 7.26 -20.99 -20.58
N THR A 175 8.43 -21.46 -20.12
CA THR A 175 8.48 -22.39 -19.01
C THR A 175 9.07 -21.87 -17.71
N ASN A 176 9.25 -20.54 -17.62
CA ASN A 176 9.84 -20.02 -16.37
C ASN A 176 9.44 -18.52 -16.24
N TYR A 177 8.18 -18.30 -15.97
CA TYR A 177 7.70 -16.90 -15.83
C TYR A 177 7.96 -16.46 -14.37
N SER A 178 8.57 -15.26 -14.24
CA SER A 178 8.85 -14.76 -12.88
C SER A 178 8.63 -13.24 -12.80
N ILE A 179 8.02 -12.78 -11.73
CA ILE A 179 7.84 -11.32 -11.53
C ILE A 179 8.56 -11.04 -10.21
N ILE A 180 9.43 -10.01 -10.18
CA ILE A 180 10.11 -9.63 -8.94
C ILE A 180 9.74 -8.16 -8.63
N ASN A 181 9.30 -7.92 -7.40
CA ASN A 181 8.96 -6.55 -6.97
C ASN A 181 10.07 -6.11 -6.03
N MET A 182 10.63 -4.87 -6.32
CA MET A 182 11.64 -4.38 -5.40
C MET A 182 10.99 -3.69 -4.22
N VAL A 183 11.06 -4.31 -3.04
CA VAL A 183 10.45 -3.75 -1.84
C VAL A 183 11.53 -3.13 -0.95
N ASP A 184 11.46 -3.15 0.37
CA ASP A 184 12.44 -2.43 1.21
C ASP A 184 12.56 -3.16 2.51
N ALA A 185 13.73 -3.69 2.87
CA ALA A 185 13.86 -4.42 4.12
C ALA A 185 13.51 -3.64 5.38
N MET A 186 13.62 -2.31 5.29
CA MET A 186 13.53 -1.42 6.43
C MET A 186 12.26 -0.64 6.66
N THR A 187 11.29 -0.82 5.74
CA THR A 187 10.01 -0.11 5.91
C THR A 187 9.29 -0.48 7.19
N ASN A 188 9.50 -1.65 7.80
CA ASN A 188 8.88 -1.94 9.09
C ASN A 188 9.49 -1.17 10.28
N GLN A 189 10.55 -0.44 10.05
CA GLN A 189 11.26 0.45 11.05
C GLN A 189 11.30 1.76 10.25
N PRO A 190 10.15 2.41 10.17
CA PRO A 190 10.01 3.55 9.26
C PRO A 190 11.02 4.66 9.24
N LEU A 191 11.35 5.17 8.06
CA LEU A 191 12.26 6.32 7.97
C LEU A 191 11.37 7.54 8.27
N LEU A 192 11.68 8.30 9.35
CA LEU A 192 10.82 9.44 9.67
C LEU A 192 10.60 10.42 8.54
N GLY A 193 9.33 10.75 8.29
CA GLY A 193 8.97 11.72 7.26
C GLY A 193 8.60 11.19 5.88
N TYR A 194 8.69 9.87 5.72
CA TYR A 194 8.38 9.25 4.40
C TYR A 194 7.14 8.38 4.41
N THR A 195 6.08 8.83 5.04
CA THR A 195 4.85 8.08 5.15
C THR A 195 4.25 7.52 3.89
N ILE A 196 4.09 8.32 2.83
CA ILE A 196 3.48 7.82 1.62
C ILE A 196 4.38 6.77 0.97
N TYR A 197 5.69 7.02 0.94
CA TYR A 197 6.60 6.00 0.39
C TYR A 197 6.46 4.70 1.17
N THR A 198 6.48 4.77 2.49
CA THR A 198 6.38 3.56 3.34
C THR A 198 5.10 2.81 3.11
N MET A 199 4.00 3.60 3.00
CA MET A 199 2.68 2.97 2.71
C MET A 199 2.71 2.25 1.35
N ALA A 200 3.31 2.84 0.33
CA ALA A 200 3.31 2.28 -1.01
C ALA A 200 4.16 1.01 -1.08
N LYS A 201 5.19 0.93 -0.25
CA LYS A 201 6.00 -0.34 -0.29
C LYS A 201 5.17 -1.38 0.47
N GLY A 202 4.43 -1.00 1.52
CA GLY A 202 3.61 -2.01 2.20
C GLY A 202 2.57 -2.55 1.19
N ALA A 203 2.04 -1.69 0.30
CA ALA A 203 1.03 -2.18 -0.67
C ALA A 203 1.69 -3.11 -1.69
N LEU A 204 2.93 -2.81 -1.98
CA LEU A 204 3.72 -3.65 -2.91
C LEU A 204 3.96 -5.04 -2.30
N GLU A 205 4.15 -5.12 -1.00
CA GLU A 205 4.32 -6.43 -0.34
C GLU A 205 2.96 -7.19 -0.48
N GLY A 206 1.86 -6.46 -0.27
CA GLY A 206 0.53 -7.05 -0.42
C GLY A 206 0.30 -7.51 -1.87
N LEU A 207 0.77 -6.75 -2.85
CA LEU A 207 0.61 -7.18 -4.25
C LEU A 207 1.41 -8.45 -4.47
N THR A 208 2.62 -8.55 -3.91
CA THR A 208 3.48 -9.72 -4.07
C THR A 208 2.73 -10.99 -3.59
N ARG A 209 2.18 -10.94 -2.39
CA ARG A 209 1.46 -12.16 -1.91
C ARG A 209 0.15 -12.40 -2.69
N SER A 210 -0.64 -11.37 -2.97
CA SER A 210 -1.93 -11.61 -3.68
C SER A 210 -1.74 -12.12 -5.08
N ALA A 211 -0.82 -11.53 -5.82
CA ALA A 211 -0.49 -11.95 -7.17
C ALA A 211 0.15 -13.32 -7.15
N ALA A 212 0.98 -13.66 -6.14
CA ALA A 212 1.61 -14.97 -6.13
C ALA A 212 0.45 -16.01 -6.01
N LEU A 213 -0.49 -15.72 -5.17
CA LEU A 213 -1.56 -16.78 -5.03
C LEU A 213 -2.39 -16.92 -6.31
N GLU A 214 -2.83 -15.79 -6.83
CA GLU A 214 -3.73 -15.72 -7.97
C GLU A 214 -3.15 -16.21 -9.29
N LEU A 215 -1.86 -16.01 -9.50
CA LEU A 215 -1.17 -16.37 -10.70
C LEU A 215 -0.50 -17.71 -10.68
N ALA A 216 -0.50 -18.34 -9.47
CA ALA A 216 0.13 -19.65 -9.36
C ALA A 216 -0.45 -20.71 -10.35
N PRO A 217 -1.73 -20.66 -10.63
CA PRO A 217 -2.29 -21.62 -11.63
C PRO A 217 -1.62 -21.45 -12.97
N LEU A 218 -1.20 -20.25 -13.42
CA LEU A 218 -0.45 -20.07 -14.64
C LEU A 218 1.05 -20.28 -14.50
N GLN A 219 1.54 -20.73 -13.33
CA GLN A 219 2.93 -20.98 -13.08
C GLN A 219 3.79 -19.70 -13.14
N ILE A 220 3.15 -18.58 -12.81
CA ILE A 220 3.93 -17.29 -12.81
C ILE A 220 4.33 -17.04 -11.33
N ARG A 221 5.60 -17.01 -11.01
CA ARG A 221 6.04 -16.82 -9.62
C ARG A 221 6.14 -15.28 -9.37
N VAL A 222 5.84 -14.94 -8.15
CA VAL A 222 5.86 -13.44 -7.86
C VAL A 222 6.59 -13.36 -6.51
N ASN A 223 7.73 -12.63 -6.47
CA ASN A 223 8.49 -12.57 -5.21
C ASN A 223 9.08 -11.12 -5.09
N GLY A 224 9.52 -10.88 -3.87
CA GLY A 224 10.10 -9.50 -3.66
C GLY A 224 11.56 -9.65 -3.25
N VAL A 225 12.33 -8.53 -3.47
CA VAL A 225 13.72 -8.42 -3.02
C VAL A 225 13.75 -7.06 -2.25
N GLY A 226 14.24 -7.09 -1.02
CA GLY A 226 14.18 -5.79 -0.29
C GLY A 226 15.53 -5.35 0.20
N PRO A 227 16.15 -4.42 -0.55
CA PRO A 227 17.46 -3.92 -0.11
C PRO A 227 17.26 -3.19 1.20
N GLY A 228 18.37 -2.97 1.95
CA GLY A 228 18.44 -2.21 3.19
C GLY A 228 19.04 -0.82 2.77
N LEU A 229 20.36 -0.73 2.74
CA LEU A 229 20.98 0.54 2.25
C LEU A 229 21.87 0.13 1.09
N SER A 230 21.70 0.71 -0.10
CA SER A 230 22.45 0.35 -1.28
C SER A 230 22.88 1.57 -2.12
N VAL A 231 24.12 1.50 -2.58
CA VAL A 231 24.72 2.53 -3.42
C VAL A 231 24.38 3.95 -2.95
N LEU A 232 24.71 4.25 -1.72
CA LEU A 232 24.40 5.50 -1.05
C LEU A 232 25.17 6.73 -1.58
N VAL A 233 26.34 6.47 -2.09
CA VAL A 233 27.20 7.56 -2.59
C VAL A 233 26.52 8.66 -3.35
N ASP A 234 25.78 8.32 -4.41
CA ASP A 234 25.12 9.28 -5.24
C ASP A 234 24.02 10.09 -4.59
N ASP A 235 23.41 9.59 -3.53
CA ASP A 235 22.31 10.22 -2.83
C ASP A 235 22.62 10.96 -1.55
N MET A 236 23.79 10.76 -0.97
CA MET A 236 24.13 11.43 0.29
C MET A 236 25.54 12.03 0.25
N PRO A 237 25.69 13.15 0.94
CA PRO A 237 26.97 13.83 1.06
C PRO A 237 27.88 12.97 1.96
N PRO A 238 29.19 13.06 1.72
CA PRO A 238 30.18 12.31 2.44
C PRO A 238 29.94 12.01 3.90
N ALA A 239 29.81 13.04 4.73
CA ALA A 239 29.60 12.86 6.14
C ALA A 239 28.32 12.11 6.49
N VAL A 240 27.24 12.36 5.74
CA VAL A 240 25.98 11.67 6.01
C VAL A 240 26.11 10.22 5.53
N TRP A 241 26.74 10.07 4.38
CA TRP A 241 26.95 8.75 3.80
C TRP A 241 27.73 7.89 4.79
N GLU A 242 28.83 8.46 5.33
CA GLU A 242 29.62 7.69 6.28
C GLU A 242 28.82 7.27 7.51
N GLY A 243 28.07 8.21 8.08
CA GLY A 243 27.27 7.94 9.26
C GLY A 243 26.20 6.87 9.10
N HIS A 244 25.52 6.80 7.97
CA HIS A 244 24.45 5.81 7.79
C HIS A 244 25.02 4.39 7.64
N ARG A 245 25.99 4.36 6.72
CA ARG A 245 26.64 3.13 6.37
C ARG A 245 27.28 2.40 7.53
N SER A 246 27.72 3.08 8.58
CA SER A 246 28.33 2.52 9.75
C SER A 246 27.42 1.73 10.68
N LYS A 247 26.09 1.81 10.48
CA LYS A 247 25.19 1.07 11.36
C LYS A 247 24.85 -0.34 10.75
N VAL A 248 25.34 -0.60 9.56
CA VAL A 248 25.01 -1.96 8.98
C VAL A 248 25.87 -3.01 9.67
N PRO A 249 25.27 -4.02 10.31
CA PRO A 249 26.07 -5.00 11.05
C PRO A 249 27.10 -5.68 10.22
N LEU A 250 26.74 -6.19 9.06
CA LEU A 250 27.62 -6.88 8.14
C LEU A 250 28.33 -5.85 7.23
N TYR A 251 29.66 -5.80 7.45
CA TYR A 251 30.58 -4.99 6.69
C TYR A 251 30.57 -3.49 7.00
N GLN A 252 29.63 -2.99 7.78
CA GLN A 252 29.55 -1.56 8.06
C GLN A 252 29.57 -0.66 6.84
N ARG A 253 28.86 -1.08 5.81
CA ARG A 253 28.69 -0.36 4.57
C ARG A 253 27.35 -0.76 3.92
N ASP A 254 27.00 0.12 2.99
CA ASP A 254 25.86 -0.07 2.11
C ASP A 254 26.30 -1.09 1.10
N SER A 255 25.28 -1.72 0.46
CA SER A 255 25.61 -2.74 -0.53
C SER A 255 25.98 -2.13 -1.87
N SER A 256 26.56 -2.91 -2.75
CA SER A 256 26.86 -2.57 -4.11
C SER A 256 25.58 -2.85 -4.91
N ALA A 257 25.51 -2.47 -6.17
CA ALA A 257 24.31 -2.77 -6.93
C ALA A 257 24.26 -4.28 -7.24
N ALA A 258 25.39 -4.89 -7.49
CA ALA A 258 25.41 -6.33 -7.82
C ALA A 258 24.99 -7.19 -6.63
N GLU A 259 25.29 -6.73 -5.42
CA GLU A 259 24.91 -7.52 -4.22
C GLU A 259 23.39 -7.68 -4.15
N VAL A 260 22.68 -6.73 -4.73
CA VAL A 260 21.21 -6.79 -4.79
C VAL A 260 20.78 -7.51 -6.05
N SER A 261 21.29 -7.11 -7.23
CA SER A 261 20.87 -7.68 -8.49
C SER A 261 21.15 -9.17 -8.60
N ASP A 262 22.21 -9.67 -8.01
CA ASP A 262 22.48 -11.14 -8.13
C ASP A 262 21.36 -11.93 -7.45
N VAL A 263 20.73 -11.32 -6.47
CA VAL A 263 19.61 -12.10 -5.80
C VAL A 263 18.40 -12.06 -6.69
N VAL A 264 18.09 -10.93 -7.36
CA VAL A 264 16.98 -10.89 -8.29
C VAL A 264 17.25 -11.94 -9.39
N ILE A 265 18.46 -12.00 -9.91
CA ILE A 265 18.77 -12.95 -11.00
C ILE A 265 18.56 -14.39 -10.50
N PHE A 266 18.99 -14.67 -9.30
CA PHE A 266 18.79 -16.04 -8.75
C PHE A 266 17.30 -16.33 -8.64
N LEU A 267 16.43 -15.45 -8.15
CA LEU A 267 15.00 -15.75 -8.07
C LEU A 267 14.30 -15.95 -9.40
N CYS A 268 14.82 -15.37 -10.49
CA CYS A 268 14.23 -15.58 -11.80
C CYS A 268 14.73 -16.91 -12.41
N SER A 269 15.77 -17.53 -11.90
CA SER A 269 16.33 -18.75 -12.44
C SER A 269 15.45 -19.98 -12.18
N SER A 270 15.67 -21.03 -13.00
CA SER A 270 14.85 -22.24 -12.84
C SER A 270 15.14 -22.93 -11.53
N LYS A 271 16.30 -22.65 -10.93
CA LYS A 271 16.65 -23.26 -9.66
C LYS A 271 15.77 -22.73 -8.53
N ALA A 272 15.16 -21.57 -8.69
CA ALA A 272 14.29 -20.99 -7.69
C ALA A 272 12.78 -21.22 -7.98
N LYS A 273 12.51 -22.23 -8.82
CA LYS A 273 11.16 -22.51 -9.24
C LYS A 273 10.11 -22.93 -8.23
N TYR A 274 10.47 -23.22 -6.98
CA TYR A 274 9.39 -23.58 -6.03
C TYR A 274 9.17 -22.39 -5.07
N ILE A 275 9.89 -21.27 -5.32
CA ILE A 275 9.76 -20.09 -4.47
C ILE A 275 8.76 -19.11 -5.09
N THR A 276 7.68 -18.85 -4.33
CA THR A 276 6.72 -17.83 -4.76
C THR A 276 6.11 -17.16 -3.53
N GLY A 277 5.69 -15.92 -3.65
CA GLY A 277 5.03 -15.15 -2.61
C GLY A 277 5.98 -14.71 -1.48
N THR A 278 7.27 -14.77 -1.69
CA THR A 278 8.18 -14.47 -0.60
C THR A 278 8.97 -13.19 -0.85
N CYS A 279 9.40 -12.50 0.19
CA CYS A 279 10.18 -11.25 0.01
C CYS A 279 11.54 -11.51 0.66
N VAL A 280 12.67 -11.44 -0.04
CA VAL A 280 13.96 -11.75 0.55
C VAL A 280 14.73 -10.39 0.84
N LYS A 281 15.00 -10.26 2.11
CA LYS A 281 15.82 -9.03 2.49
C LYS A 281 17.26 -9.25 2.07
N VAL A 282 17.90 -8.13 1.55
CA VAL A 282 19.29 -8.11 1.17
C VAL A 282 19.82 -6.84 1.90
N ASP A 283 19.97 -6.96 3.20
CA ASP A 283 20.23 -5.78 4.04
C ASP A 283 21.42 -5.84 4.97
N GLY A 284 22.31 -6.84 4.82
CA GLY A 284 23.48 -6.86 5.74
C GLY A 284 23.11 -6.89 7.22
N GLY A 285 21.88 -7.32 7.57
CA GLY A 285 21.37 -7.41 8.93
C GLY A 285 20.89 -6.09 9.54
N TYR A 286 20.73 -5.10 8.65
CA TYR A 286 20.29 -3.77 9.20
C TYR A 286 18.95 -3.82 9.88
N SER A 287 18.03 -4.68 9.35
CA SER A 287 16.72 -4.80 10.01
C SER A 287 16.79 -5.43 11.39
N LEU A 288 17.89 -6.02 11.81
CA LEU A 288 18.02 -6.67 13.09
C LEU A 288 18.43 -5.61 14.16
N THR A 289 18.68 -4.39 13.69
CA THR A 289 19.15 -3.42 14.72
C THR A 289 18.01 -2.67 15.42
N ARG A 290 18.36 -2.05 16.54
CA ARG A 290 17.38 -1.26 17.33
C ARG A 290 18.12 0.06 17.65
N ALA A 291 17.37 1.11 17.94
CA ALA A 291 18.02 2.40 18.23
C ALA A 291 18.75 2.31 19.55
N VAL B 9 -15.17 16.43 28.20
CA VAL B 9 -15.82 15.48 27.30
C VAL B 9 -14.99 15.29 26.03
N PRO B 10 -14.37 14.12 25.93
CA PRO B 10 -13.53 13.82 24.77
C PRO B 10 -14.34 13.60 23.51
N VAL B 11 -13.74 13.77 22.34
CA VAL B 11 -14.45 13.62 21.09
C VAL B 11 -13.84 12.52 20.20
N ALA B 12 -14.70 11.70 19.60
CA ALA B 12 -14.16 10.65 18.70
C ALA B 12 -14.77 10.85 17.31
N LEU B 13 -13.94 10.66 16.29
CA LEU B 13 -14.42 10.75 14.90
C LEU B 13 -14.38 9.30 14.41
N VAL B 14 -15.50 8.71 14.00
CA VAL B 14 -15.50 7.34 13.52
C VAL B 14 -15.92 7.41 12.04
N THR B 15 -15.12 6.85 11.13
CA THR B 15 -15.52 6.86 9.73
C THR B 15 -16.35 5.62 9.46
N GLY B 16 -17.33 5.67 8.55
CA GLY B 16 -18.13 4.51 8.21
C GLY B 16 -18.87 3.96 9.43
N ALA B 17 -19.35 4.94 10.20
CA ALA B 17 -20.02 4.67 11.46
C ALA B 17 -21.49 4.34 11.44
N ALA B 18 -22.13 4.41 10.27
CA ALA B 18 -23.56 4.14 10.17
C ALA B 18 -24.00 2.76 10.61
N LYS B 19 -23.28 1.67 10.33
CA LYS B 19 -23.68 0.35 10.74
C LYS B 19 -22.56 -0.66 10.96
N ARG B 20 -22.94 -1.90 11.26
CA ARG B 20 -21.94 -2.95 11.46
C ARG B 20 -20.83 -2.60 12.42
N LEU B 21 -19.55 -2.95 12.13
CA LEU B 21 -18.50 -2.65 13.08
C LEU B 21 -18.37 -1.18 13.40
N GLY B 22 -18.53 -0.28 12.43
CA GLY B 22 -18.40 1.16 12.65
C GLY B 22 -19.45 1.61 13.69
N ARG B 23 -20.67 1.12 13.51
CA ARG B 23 -21.73 1.46 14.48
C ARG B 23 -21.36 0.94 15.89
N SER B 24 -20.87 -0.28 15.97
CA SER B 24 -20.48 -0.86 17.26
C SER B 24 -19.39 -0.09 17.96
N ILE B 25 -18.41 0.45 17.20
CA ILE B 25 -17.33 1.24 17.76
C ILE B 25 -17.87 2.56 18.31
N ALA B 26 -18.75 3.20 17.51
CA ALA B 26 -19.32 4.48 17.97
C ALA B 26 -20.10 4.24 19.26
N GLU B 27 -20.89 3.18 19.31
CA GLU B 27 -21.67 2.88 20.52
C GLU B 27 -20.73 2.68 21.69
N GLY B 28 -19.71 1.82 21.50
CA GLY B 28 -18.75 1.59 22.57
C GLY B 28 -18.03 2.85 23.02
N LEU B 29 -17.61 3.74 22.15
CA LEU B 29 -16.94 4.96 22.51
C LEU B 29 -17.95 5.86 23.24
N HIS B 30 -19.17 5.84 22.72
CA HIS B 30 -20.21 6.66 23.38
C HIS B 30 -20.45 6.18 24.80
N ALA B 31 -20.41 4.88 25.08
CA ALA B 31 -20.64 4.41 26.45
C ALA B 31 -19.55 4.76 27.44
N GLU B 32 -18.33 5.06 26.98
CA GLU B 32 -17.26 5.41 27.89
C GLU B 32 -17.30 6.92 28.14
N GLY B 33 -18.23 7.59 27.47
CA GLY B 33 -18.40 9.01 27.61
C GLY B 33 -17.92 9.94 26.53
N TYR B 34 -17.52 9.43 25.35
CA TYR B 34 -17.06 10.35 24.29
C TYR B 34 -18.24 10.98 23.52
N ALA B 35 -18.01 12.16 22.98
CA ALA B 35 -18.99 12.80 22.07
C ALA B 35 -18.52 12.19 20.72
N VAL B 36 -19.39 11.70 19.87
CA VAL B 36 -18.89 11.04 18.65
C VAL B 36 -19.41 11.61 17.34
N CYS B 37 -18.53 11.82 16.37
CA CYS B 37 -18.89 12.31 15.04
C CYS B 37 -19.03 11.04 14.19
N LEU B 38 -20.22 10.80 13.65
CA LEU B 38 -20.60 9.66 12.86
C LEU B 38 -20.51 9.97 11.38
N HIS B 39 -19.37 9.58 10.78
CA HIS B 39 -19.19 9.83 9.34
C HIS B 39 -19.94 8.77 8.55
N TYR B 40 -20.48 9.16 7.38
CA TYR B 40 -21.17 8.21 6.53
C TYR B 40 -21.00 8.66 5.08
N HIS B 41 -21.29 7.73 4.17
CA HIS B 41 -21.18 8.05 2.75
C HIS B 41 -22.57 7.90 2.13
N ARG B 42 -23.08 6.69 2.06
CA ARG B 42 -24.39 6.42 1.49
CA ARG B 42 -24.40 6.42 1.50
C ARG B 42 -25.48 6.11 2.51
N SER B 43 -25.13 5.85 3.75
CA SER B 43 -26.04 5.51 4.80
C SER B 43 -26.55 6.63 5.69
N ALA B 44 -27.14 7.65 5.07
CA ALA B 44 -27.68 8.79 5.78
C ALA B 44 -28.77 8.41 6.79
N ALA B 45 -29.73 7.57 6.39
CA ALA B 45 -30.82 7.22 7.30
C ALA B 45 -30.33 6.54 8.57
N GLU B 46 -29.50 5.54 8.38
CA GLU B 46 -28.93 4.75 9.47
C GLU B 46 -28.06 5.64 10.34
N ALA B 47 -27.28 6.52 9.71
CA ALA B 47 -26.43 7.43 10.46
C ALA B 47 -27.28 8.33 11.36
N ASN B 48 -28.19 9.05 10.70
CA ASN B 48 -29.06 9.97 11.43
C ASN B 48 -29.80 9.35 12.58
N ALA B 49 -30.26 8.13 12.42
CA ALA B 49 -30.96 7.36 13.44
C ALA B 49 -30.06 7.11 14.64
N LEU B 50 -28.88 6.54 14.36
CA LEU B 50 -27.90 6.27 15.43
C LEU B 50 -27.63 7.54 16.23
N SER B 51 -27.48 8.66 15.52
CA SER B 51 -27.22 9.94 16.14
C SER B 51 -28.37 10.39 17.07
N ALA B 52 -29.58 10.12 16.60
CA ALA B 52 -30.78 10.47 17.37
C ALA B 52 -30.79 9.63 18.65
N THR B 53 -30.57 8.32 18.49
CA THR B 53 -30.54 7.42 19.64
C THR B 53 -29.51 7.87 20.68
N LEU B 54 -28.29 8.22 20.24
CA LEU B 54 -27.23 8.64 21.12
C LEU B 54 -27.51 9.97 21.81
N ASN B 55 -28.14 10.85 21.05
CA ASN B 55 -28.47 12.18 21.61
C ASN B 55 -29.60 12.01 22.61
N ALA B 56 -30.44 10.99 22.41
CA ALA B 56 -31.52 10.72 23.34
C ALA B 56 -30.93 10.26 24.68
N ARG B 57 -29.85 9.48 24.60
CA ARG B 57 -29.19 8.98 25.81
C ARG B 57 -28.47 10.10 26.54
N ARG B 58 -27.84 10.98 25.77
CA ARG B 58 -27.07 12.07 26.36
C ARG B 58 -27.03 13.20 25.35
N PRO B 59 -27.74 14.30 25.63
CA PRO B 59 -27.83 15.44 24.75
C PRO B 59 -26.52 16.01 24.23
N ASN B 60 -26.51 16.31 22.93
CA ASN B 60 -25.40 16.87 22.20
C ASN B 60 -24.15 15.97 22.33
N SER B 61 -24.41 14.69 22.14
CA SER B 61 -23.32 13.69 22.23
C SER B 61 -23.04 13.03 20.90
N ALA B 62 -23.75 13.41 19.85
CA ALA B 62 -23.50 12.84 18.53
C ALA B 62 -23.90 13.73 17.36
N ILE B 63 -23.13 13.64 16.27
CA ILE B 63 -23.40 14.42 15.07
C ILE B 63 -23.16 13.52 13.85
N THR B 64 -23.40 14.07 12.67
CA THR B 64 -23.17 13.29 11.45
C THR B 64 -22.53 14.18 10.38
N VAL B 65 -21.56 13.63 9.66
CA VAL B 65 -20.92 14.35 8.56
C VAL B 65 -20.85 13.35 7.38
N GLN B 66 -21.22 13.76 6.18
CA GLN B 66 -21.20 12.87 5.02
C GLN B 66 -19.91 13.18 4.23
N ALA B 67 -19.32 12.16 3.59
CA ALA B 67 -18.17 12.34 2.76
C ALA B 67 -17.83 11.07 1.95
N ASP B 68 -17.48 11.29 0.68
CA ASP B 68 -17.04 10.10 -0.13
C ASP B 68 -15.53 10.07 0.19
N LEU B 69 -14.98 8.89 0.54
CA LEU B 69 -13.55 8.86 0.88
C LEU B 69 -12.70 8.27 -0.23
N SER B 70 -13.35 8.09 -1.39
CA SER B 70 -12.64 7.58 -2.58
C SER B 70 -11.66 8.67 -2.99
N ASN B 71 -10.57 8.31 -3.65
CA ASN B 71 -9.56 9.29 -4.05
C ASN B 71 -9.93 9.96 -5.39
N VAL B 72 -11.01 10.73 -5.31
CA VAL B 72 -11.58 11.45 -6.43
C VAL B 72 -11.97 12.88 -6.01
N ALA B 73 -12.01 13.76 -7.01
CA ALA B 73 -12.41 15.15 -6.77
C ALA B 73 -13.94 15.18 -6.87
N THR B 74 -14.57 16.03 -6.07
CA THR B 74 -16.03 16.13 -6.11
C THR B 74 -16.43 17.58 -6.35
N ALA B 75 -17.71 17.81 -6.67
CA ALA B 75 -18.22 19.16 -6.94
C ALA B 75 -18.32 20.01 -5.68
N PRO B 85 -12.78 22.20 -8.14
CA PRO B 85 -13.35 21.05 -7.46
C PRO B 85 -12.73 20.81 -6.09
N VAL B 86 -13.38 19.96 -5.31
CA VAL B 86 -12.92 19.65 -3.96
C VAL B 86 -12.13 18.33 -3.94
N THR B 87 -10.89 18.39 -3.50
CA THR B 87 -10.05 17.19 -3.41
C THR B 87 -10.36 16.32 -2.19
N LEU B 88 -9.90 15.07 -2.19
CA LEU B 88 -10.09 14.19 -1.05
C LEU B 88 -9.49 14.79 0.23
N PHE B 89 -8.29 15.35 0.11
CA PHE B 89 -7.61 15.94 1.25
C PHE B 89 -8.54 16.94 1.96
N THR B 90 -9.00 17.90 1.16
CA THR B 90 -9.89 18.93 1.71
C THR B 90 -11.07 18.32 2.41
N ARG B 91 -11.71 17.32 1.78
CA ARG B 91 -12.84 16.67 2.42
C ARG B 91 -12.42 16.06 3.75
N CYS B 92 -11.23 15.44 3.80
CA CYS B 92 -10.72 14.83 5.02
C CYS B 92 -10.52 15.89 6.12
N ALA B 93 -9.86 16.97 5.73
CA ALA B 93 -9.62 18.09 6.66
C ALA B 93 -10.91 18.67 7.22
N GLU B 94 -11.96 18.75 6.38
CA GLU B 94 -13.23 19.29 6.83
C GLU B 94 -13.88 18.35 7.84
N LEU B 95 -13.64 17.03 7.67
CA LEU B 95 -14.23 16.09 8.62
C LEU B 95 -13.61 16.34 10.00
N VAL B 96 -12.29 16.58 10.03
CA VAL B 96 -11.61 16.82 11.30
C VAL B 96 -12.04 18.19 11.83
N ALA B 97 -12.12 19.16 10.93
CA ALA B 97 -12.54 20.52 11.30
C ALA B 97 -13.95 20.50 11.90
N ALA B 98 -14.80 19.58 11.49
CA ALA B 98 -16.15 19.48 12.01
C ALA B 98 -16.23 19.12 13.47
N CYS B 99 -15.28 18.35 13.99
CA CYS B 99 -15.27 17.96 15.40
C CYS B 99 -14.84 19.17 16.25
N TYR B 100 -13.88 19.91 15.73
CA TYR B 100 -13.34 21.09 16.37
C TYR B 100 -14.47 22.12 16.37
N THR B 101 -14.89 22.56 15.19
CA THR B 101 -15.99 23.51 15.07
C THR B 101 -17.13 23.26 16.05
N HIS B 102 -17.62 22.02 16.06
CA HIS B 102 -18.72 21.67 16.93
C HIS B 102 -18.38 21.59 18.40
N TRP B 103 -17.38 20.80 18.76
CA TRP B 103 -17.01 20.62 20.15
C TRP B 103 -15.64 21.14 20.56
N GLY B 104 -14.87 21.78 19.71
CA GLY B 104 -13.57 22.32 20.02
C GLY B 104 -12.46 21.30 20.27
N ARG B 105 -12.63 20.04 19.88
CA ARG B 105 -11.59 19.05 20.11
C ARG B 105 -11.79 17.75 19.34
N CYS B 106 -10.69 17.01 19.13
CA CYS B 106 -10.81 15.69 18.45
C CYS B 106 -9.71 14.84 19.14
N ASP B 107 -10.12 13.94 20.03
CA ASP B 107 -9.12 13.16 20.75
C ASP B 107 -8.85 11.78 20.15
N VAL B 108 -9.84 11.18 19.53
CA VAL B 108 -9.75 9.84 18.93
C VAL B 108 -10.20 9.86 17.49
N LEU B 109 -9.53 9.03 16.68
CA LEU B 109 -9.87 8.91 15.26
C LEU B 109 -9.84 7.43 14.91
N VAL B 110 -10.94 6.89 14.42
CA VAL B 110 -11.03 5.49 14.04
C VAL B 110 -11.25 5.39 12.53
N ASN B 111 -10.22 4.96 11.80
CA ASN B 111 -10.33 4.81 10.35
C ASN B 111 -10.95 3.46 10.08
N ASN B 112 -12.28 3.42 9.96
CA ASN B 112 -13.01 2.18 9.77
C ASN B 112 -13.66 2.03 8.41
N ALA B 113 -14.06 3.16 7.80
CA ALA B 113 -14.75 3.08 6.51
C ALA B 113 -13.81 2.36 5.50
N SER B 114 -14.45 1.52 4.72
CA SER B 114 -13.71 0.74 3.72
C SER B 114 -14.60 0.06 2.70
N SER B 115 -14.21 0.18 1.44
CA SER B 115 -14.83 -0.49 0.31
C SER B 115 -14.12 -1.84 0.21
N PHE B 116 -14.86 -2.84 -0.26
CA PHE B 116 -14.32 -4.19 -0.36
C PHE B 116 -15.09 -4.99 -1.41
N TYR B 117 -14.49 -5.23 -2.57
CA TYR B 117 -15.04 -6.06 -3.62
C TYR B 117 -13.87 -6.49 -4.51
N PRO B 118 -14.06 -7.48 -5.35
CA PRO B 118 -13.02 -7.99 -6.20
C PRO B 118 -12.47 -7.04 -7.26
N THR B 119 -11.20 -7.26 -7.55
CA THR B 119 -10.41 -6.64 -8.60
C THR B 119 -9.55 -7.80 -9.11
N PRO B 120 -10.15 -8.74 -9.87
CA PRO B 120 -9.44 -9.88 -10.39
C PRO B 120 -8.31 -9.54 -11.34
N LEU B 121 -7.21 -10.26 -11.27
CA LEU B 121 -6.08 -10.01 -12.18
C LEU B 121 -6.44 -10.59 -13.55
N LEU B 122 -7.13 -11.74 -13.54
CA LEU B 122 -7.50 -12.36 -14.82
C LEU B 122 -9.00 -12.36 -15.10
N ARG B 123 -9.31 -12.30 -16.38
CA ARG B 123 -10.67 -12.31 -16.90
C ARG B 123 -11.63 -11.60 -15.97
N GLY B 134 -15.02 1.92 -21.34
CA GLY B 134 -15.82 1.97 -20.11
C GLY B 134 -15.28 1.07 -19.02
N ASP B 135 -14.66 -0.04 -19.41
CA ASP B 135 -14.08 -1.00 -18.49
C ASP B 135 -12.87 -0.38 -17.78
N ARG B 136 -12.09 0.40 -18.52
CA ARG B 136 -10.92 1.06 -17.95
C ARG B 136 -11.33 2.11 -16.93
N GLU B 137 -12.43 2.81 -17.25
CA GLU B 137 -12.94 3.84 -16.37
C GLU B 137 -13.45 3.26 -15.06
N ALA B 138 -14.02 2.05 -15.13
CA ALA B 138 -14.51 1.37 -13.93
C ALA B 138 -13.32 0.84 -13.12
N MET B 139 -12.23 0.53 -13.83
CA MET B 139 -11.04 -0.01 -13.14
C MET B 139 -10.44 1.13 -12.33
N GLU B 140 -10.45 2.30 -12.97
CA GLU B 140 -9.94 3.50 -12.36
C GLU B 140 -10.79 3.98 -11.22
N THR B 141 -12.11 3.74 -11.24
CA THR B 141 -13.00 4.10 -10.17
C THR B 141 -12.75 3.18 -8.96
N ALA B 142 -12.58 1.90 -9.27
CA ALA B 142 -12.31 0.86 -8.31
C ALA B 142 -10.99 1.15 -7.61
N THR B 143 -9.91 1.49 -8.33
CA THR B 143 -8.65 1.76 -7.60
C THR B 143 -8.83 2.97 -6.71
N ALA B 144 -9.45 4.03 -7.22
CA ALA B 144 -9.65 5.23 -6.40
C ALA B 144 -10.51 4.93 -5.20
N ASP B 145 -11.55 4.12 -5.30
CA ASP B 145 -12.45 3.86 -4.18
C ASP B 145 -11.81 2.91 -3.14
N LEU B 146 -11.29 1.77 -3.60
CA LEU B 146 -10.64 0.84 -2.65
C LEU B 146 -9.39 1.44 -2.02
N PHE B 147 -8.49 2.08 -2.77
CA PHE B 147 -7.30 2.69 -2.22
C PHE B 147 -7.60 3.94 -1.41
N GLY B 148 -8.58 4.73 -1.91
CA GLY B 148 -8.93 5.94 -1.14
C GLY B 148 -9.48 5.66 0.23
N SER B 149 -10.51 4.82 0.32
CA SER B 149 -11.15 4.54 1.60
C SER B 149 -10.26 3.81 2.61
N ASN B 150 -9.53 2.81 2.10
CA ASN B 150 -8.70 1.98 2.95
C ASN B 150 -7.31 2.57 3.28
N ALA B 151 -6.81 3.48 2.48
CA ALA B 151 -5.48 4.03 2.72
C ALA B 151 -5.24 5.50 2.51
N ILE B 152 -5.60 6.09 1.36
CA ILE B 152 -5.32 7.51 1.15
C ILE B 152 -6.14 8.39 2.08
N ALA B 153 -7.43 8.09 2.28
CA ALA B 153 -8.23 8.90 3.20
C ALA B 153 -7.70 8.83 4.61
N PRO B 154 -7.46 7.64 5.18
CA PRO B 154 -6.87 7.53 6.50
C PRO B 154 -5.62 8.39 6.60
N TYR B 155 -4.76 8.44 5.56
CA TYR B 155 -3.56 9.26 5.63
C TYR B 155 -3.92 10.75 5.82
N PHE B 156 -4.83 11.25 4.98
CA PHE B 156 -5.15 12.69 5.09
C PHE B 156 -5.83 13.02 6.41
N LEU B 157 -6.64 12.12 6.87
CA LEU B 157 -7.36 12.26 8.14
C LEU B 157 -6.35 12.32 9.27
N ILE B 158 -5.34 11.41 9.18
CA ILE B 158 -4.29 11.42 10.18
C ILE B 158 -3.53 12.74 10.12
N LYS B 159 -3.19 13.25 8.93
CA LYS B 159 -2.46 14.47 8.73
C LYS B 159 -3.26 15.69 9.27
N ALA B 160 -4.57 15.68 9.04
CA ALA B 160 -5.39 16.78 9.57
C ALA B 160 -5.52 16.70 11.09
N PHE B 161 -5.68 15.50 11.63
CA PHE B 161 -5.80 15.35 13.08
C PHE B 161 -4.52 15.86 13.74
N ALA B 162 -3.35 15.49 13.20
CA ALA B 162 -2.06 15.85 13.74
C ALA B 162 -1.84 17.36 13.72
N HIS B 163 -2.21 17.92 12.57
CA HIS B 163 -2.07 19.37 12.36
C HIS B 163 -2.84 20.13 13.43
N ARG B 164 -4.05 19.70 13.78
CA ARG B 164 -4.87 20.34 14.81
C ARG B 164 -4.29 20.19 16.21
N VAL B 165 -3.69 19.04 16.53
CA VAL B 165 -3.10 18.87 17.86
C VAL B 165 -1.86 19.73 17.96
N ALA B 166 -1.06 19.75 16.89
CA ALA B 166 0.17 20.53 16.88
C ALA B 166 -0.13 22.03 17.03
N GLY B 167 -1.24 22.47 16.46
CA GLY B 167 -1.62 23.88 16.47
C GLY B 167 -2.21 24.36 17.79
N THR B 168 -2.56 23.42 18.65
CA THR B 168 -3.14 23.72 19.97
C THR B 168 -2.00 23.92 20.96
N PRO B 169 -1.99 25.06 21.64
CA PRO B 169 -0.95 25.36 22.62
C PRO B 169 -0.84 24.16 23.55
N ALA B 170 0.38 23.75 23.87
CA ALA B 170 0.60 22.58 24.72
C ALA B 170 -0.29 22.55 25.94
N LYS B 171 -0.44 23.71 26.57
CA LYS B 171 -1.25 23.86 27.77
C LYS B 171 -2.66 23.31 27.66
N HIS B 172 -3.30 23.42 26.51
CA HIS B 172 -4.67 22.93 26.39
C HIS B 172 -4.85 21.63 25.62
N ARG B 173 -3.78 20.87 25.34
CA ARG B 173 -4.03 19.63 24.60
C ARG B 173 -4.72 18.58 25.46
N GLY B 174 -5.35 17.62 24.80
CA GLY B 174 -5.98 16.49 25.50
C GLY B 174 -4.78 15.69 26.06
N THR B 175 -5.07 14.69 26.85
CA THR B 175 -4.00 13.91 27.46
C THR B 175 -4.12 12.45 27.01
N ASN B 176 -4.91 12.22 25.97
CA ASN B 176 -5.12 10.83 25.55
C ASN B 176 -5.55 10.69 24.09
N TYR B 177 -4.67 11.15 23.20
CA TYR B 177 -4.95 11.09 21.77
C TYR B 177 -4.62 9.69 21.18
N SER B 178 -5.59 9.05 20.56
CA SER B 178 -5.35 7.71 19.97
C SER B 178 -5.93 7.64 18.57
N ILE B 179 -5.25 6.97 17.61
CA ILE B 179 -5.79 6.86 16.25
C ILE B 179 -5.83 5.34 16.04
N ILE B 180 -6.97 4.75 15.64
CA ILE B 180 -7.06 3.33 15.44
C ILE B 180 -7.41 3.10 13.96
N ASN B 181 -6.61 2.27 13.29
CA ASN B 181 -6.84 1.93 11.88
C ASN B 181 -7.40 0.52 11.83
N MET B 182 -8.57 0.34 11.18
CA MET B 182 -9.12 -1.01 11.10
C MET B 182 -8.40 -1.73 9.91
N VAL B 183 -7.61 -2.72 10.31
CA VAL B 183 -6.87 -3.52 9.33
C VAL B 183 -7.53 -4.85 9.11
N ASP B 184 -6.80 -5.91 8.75
CA ASP B 184 -7.36 -7.21 8.44
C ASP B 184 -6.43 -8.32 8.84
N ALA B 185 -6.80 -9.17 9.80
CA ALA B 185 -5.91 -10.21 10.25
C ALA B 185 -5.51 -11.21 9.15
N MET B 186 -6.31 -11.30 8.11
CA MET B 186 -6.08 -12.32 7.09
C MET B 186 -5.47 -11.83 5.80
N THR B 187 -5.06 -10.57 5.65
CA THR B 187 -4.52 -10.16 4.34
C THR B 187 -3.20 -10.83 3.99
N ASN B 188 -2.47 -11.34 4.99
CA ASN B 188 -1.22 -12.08 4.70
C ASN B 188 -1.46 -13.44 4.11
N GLN B 189 -2.72 -13.90 4.09
CA GLN B 189 -3.19 -15.14 3.44
C GLN B 189 -4.32 -14.62 2.53
N PRO B 190 -3.93 -14.06 1.39
CA PRO B 190 -4.91 -13.35 0.57
C PRO B 190 -6.16 -14.03 0.08
N LEU B 191 -7.21 -13.23 0.08
CA LEU B 191 -8.48 -13.83 -0.50
C LEU B 191 -8.33 -13.68 -2.01
N LEU B 192 -8.51 -14.78 -2.73
CA LEU B 192 -8.42 -14.77 -4.19
C LEU B 192 -9.33 -13.77 -4.87
N GLY B 193 -8.70 -12.93 -5.68
CA GLY B 193 -9.30 -11.89 -6.49
C GLY B 193 -9.49 -10.53 -5.86
N TYR B 194 -8.94 -10.30 -4.66
CA TYR B 194 -9.15 -8.97 -4.04
C TYR B 194 -7.81 -8.23 -3.97
N THR B 195 -6.98 -8.20 -5.00
CA THR B 195 -5.65 -7.59 -4.91
C THR B 195 -5.62 -6.14 -4.47
N ILE B 196 -6.40 -5.24 -5.09
CA ILE B 196 -6.34 -3.84 -4.68
C ILE B 196 -6.72 -3.66 -3.22
N TYR B 197 -7.79 -4.31 -2.75
CA TYR B 197 -8.14 -4.27 -1.35
C TYR B 197 -6.95 -4.75 -0.49
N THR B 198 -6.34 -5.90 -0.82
CA THR B 198 -5.26 -6.43 0.03
C THR B 198 -4.10 -5.44 0.05
N MET B 199 -3.78 -4.87 -1.11
CA MET B 199 -2.70 -3.92 -1.19
C MET B 199 -3.01 -2.68 -0.34
N ALA B 200 -4.27 -2.24 -0.35
CA ALA B 200 -4.64 -1.07 0.45
C ALA B 200 -4.54 -1.36 1.94
N LYS B 201 -4.91 -2.56 2.39
CA LYS B 201 -4.75 -2.85 3.85
C LYS B 201 -3.25 -2.89 4.23
N GLY B 202 -2.40 -3.35 3.30
CA GLY B 202 -0.92 -3.35 3.51
C GLY B 202 -0.41 -1.90 3.63
N ALA B 203 -0.94 -1.02 2.82
CA ALA B 203 -0.59 0.40 2.89
C ALA B 203 -1.07 0.96 4.24
N LEU B 204 -2.24 0.59 4.73
CA LEU B 204 -2.78 1.00 6.01
C LEU B 204 -1.92 0.49 7.20
N GLU B 205 -1.27 -0.68 7.10
CA GLU B 205 -0.37 -1.19 8.14
C GLU B 205 0.88 -0.29 8.18
N GLY B 206 1.37 0.06 6.98
CA GLY B 206 2.51 0.95 6.81
C GLY B 206 2.16 2.30 7.48
N LEU B 207 0.98 2.80 7.17
CA LEU B 207 0.61 4.11 7.77
C LEU B 207 0.60 4.06 9.28
N THR B 208 0.10 2.96 9.83
CA THR B 208 0.05 2.78 11.29
C THR B 208 1.46 2.90 11.85
N ARG B 209 2.43 2.14 11.29
CA ARG B 209 3.79 2.22 11.81
C ARG B 209 4.42 3.57 11.60
N SER B 210 4.24 4.16 10.44
CA SER B 210 4.91 5.44 10.15
C SER B 210 4.34 6.57 11.00
N ALA B 211 3.01 6.62 11.04
CA ALA B 211 2.42 7.73 11.86
C ALA B 211 2.68 7.48 13.33
N ALA B 212 2.67 6.22 13.80
CA ALA B 212 2.97 5.97 15.20
C ALA B 212 4.36 6.55 15.53
N LEU B 213 5.35 6.34 14.66
CA LEU B 213 6.69 6.85 14.92
C LEU B 213 6.82 8.37 14.87
N GLU B 214 6.18 8.98 13.89
CA GLU B 214 6.24 10.41 13.66
C GLU B 214 5.41 11.26 14.61
N LEU B 215 4.30 10.71 15.05
CA LEU B 215 3.41 11.44 15.96
C LEU B 215 3.69 11.15 17.42
N ALA B 216 4.71 10.31 17.73
CA ALA B 216 5.04 10.03 19.12
C ALA B 216 5.40 11.29 19.95
N PRO B 217 6.12 12.23 19.44
CA PRO B 217 6.48 13.43 20.21
C PRO B 217 5.25 14.22 20.65
N LEU B 218 4.13 14.14 19.96
CA LEU B 218 2.91 14.86 20.30
C LEU B 218 2.03 13.96 21.14
N GLN B 219 2.58 12.79 21.49
CA GLN B 219 1.89 11.80 22.30
C GLN B 219 0.61 11.29 21.68
N ILE B 220 0.57 11.14 20.36
CA ILE B 220 -0.61 10.60 19.67
C ILE B 220 -0.28 9.11 19.38
N ARG B 221 -1.04 8.21 19.95
CA ARG B 221 -0.78 6.79 19.70
C ARG B 221 -1.45 6.37 18.40
N VAL B 222 -0.85 5.46 17.63
CA VAL B 222 -1.50 5.05 16.35
C VAL B 222 -1.39 3.52 16.33
N ASN B 223 -2.48 2.81 16.32
CA ASN B 223 -2.50 1.34 16.37
C ASN B 223 -3.57 0.78 15.44
N GLY B 224 -3.47 -0.51 15.16
CA GLY B 224 -4.44 -1.17 14.27
C GLY B 224 -5.17 -2.24 15.03
N VAL B 225 -6.35 -2.62 14.52
CA VAL B 225 -7.21 -3.67 14.98
C VAL B 225 -7.63 -4.47 13.73
N GLY B 226 -7.34 -5.76 13.71
CA GLY B 226 -7.60 -6.58 12.55
C GLY B 226 -8.51 -7.74 12.75
N PRO B 227 -9.77 -7.54 12.35
CA PRO B 227 -10.77 -8.60 12.42
C PRO B 227 -10.44 -9.71 11.46
N GLY B 228 -10.95 -10.90 11.73
CA GLY B 228 -10.79 -12.11 10.91
C GLY B 228 -12.10 -12.20 10.10
N LEU B 229 -13.09 -12.87 10.69
CA LEU B 229 -14.43 -13.00 10.06
C LEU B 229 -15.36 -12.40 11.12
N SER B 230 -16.14 -11.40 10.76
CA SER B 230 -17.02 -10.74 11.73
C SER B 230 -18.36 -10.37 11.09
N VAL B 231 -19.44 -10.56 11.86
CA VAL B 231 -20.77 -10.21 11.38
C VAL B 231 -21.06 -10.53 9.93
N LEU B 232 -20.88 -11.75 9.49
CA LEU B 232 -21.06 -12.20 8.13
C LEU B 232 -22.49 -11.99 7.61
N VAL B 233 -23.50 -12.15 8.47
CA VAL B 233 -24.88 -11.95 8.01
C VAL B 233 -25.26 -10.51 7.78
N ASP B 234 -25.14 -9.67 8.80
CA ASP B 234 -25.48 -8.27 8.69
C ASP B 234 -25.26 -7.69 7.29
N TRP B 241 -22.26 -19.77 4.28
CA TRP B 241 -21.45 -19.23 5.35
C TRP B 241 -20.89 -20.29 6.27
N GLU B 242 -21.49 -21.48 6.29
CA GLU B 242 -20.96 -22.54 7.14
C GLU B 242 -19.54 -22.87 6.69
N GLY B 243 -19.29 -22.86 5.38
CA GLY B 243 -17.94 -23.15 4.89
C GLY B 243 -16.91 -22.30 5.62
N HIS B 244 -17.08 -20.99 5.64
CA HIS B 244 -16.17 -20.06 6.30
C HIS B 244 -16.09 -20.16 7.81
N ARG B 245 -17.26 -19.98 8.44
CA ARG B 245 -17.35 -20.04 9.89
C ARG B 245 -16.69 -21.26 10.51
N SER B 246 -16.88 -22.40 9.86
CA SER B 246 -16.42 -23.66 10.38
C SER B 246 -14.91 -23.88 10.40
N LYS B 247 -14.22 -22.93 9.77
CA LYS B 247 -12.74 -23.04 9.74
C LYS B 247 -12.13 -22.23 10.87
N VAL B 248 -12.87 -21.39 11.57
CA VAL B 248 -12.33 -20.61 12.68
C VAL B 248 -12.06 -21.51 13.88
N PRO B 249 -10.82 -21.64 14.31
CA PRO B 249 -10.50 -22.51 15.45
C PRO B 249 -11.30 -22.19 16.72
N LEU B 250 -11.41 -20.97 17.17
CA LEU B 250 -12.11 -20.63 18.39
C LEU B 250 -13.60 -20.38 18.08
N TYR B 251 -14.41 -21.29 18.64
CA TYR B 251 -15.86 -21.24 18.49
C TYR B 251 -16.46 -21.63 17.17
N GLN B 252 -15.68 -21.85 16.10
CA GLN B 252 -16.23 -22.22 14.81
C GLN B 252 -17.29 -21.25 14.32
N ARG B 253 -17.13 -19.95 14.56
CA ARG B 253 -18.03 -18.93 14.04
C ARG B 253 -17.26 -17.62 13.87
N ASP B 254 -17.88 -16.65 13.20
CA ASP B 254 -17.40 -15.32 12.99
C ASP B 254 -17.60 -14.53 14.28
N SER B 255 -17.00 -13.38 14.48
CA SER B 255 -17.20 -12.67 15.75
C SER B 255 -18.46 -11.80 15.70
N SER B 256 -18.87 -11.31 16.88
CA SER B 256 -19.99 -10.37 16.95
C SER B 256 -19.36 -9.00 16.75
N ALA B 257 -20.14 -7.93 16.57
CA ALA B 257 -19.53 -6.62 16.42
C ALA B 257 -18.75 -6.21 17.68
N ALA B 258 -19.31 -6.41 18.86
CA ALA B 258 -18.70 -6.06 20.12
C ALA B 258 -17.35 -6.76 20.36
N GLU B 259 -17.24 -7.99 19.90
CA GLU B 259 -16.01 -8.77 20.07
C GLU B 259 -14.83 -8.03 19.42
N VAL B 260 -15.12 -7.15 18.47
CA VAL B 260 -14.10 -6.32 17.83
C VAL B 260 -14.06 -4.93 18.40
N SER B 261 -15.22 -4.26 18.59
CA SER B 261 -15.19 -2.90 19.10
C SER B 261 -14.67 -2.78 20.53
N ASP B 262 -14.90 -3.77 21.36
CA ASP B 262 -14.40 -3.70 22.74
C ASP B 262 -12.87 -3.62 22.72
N VAL B 263 -12.25 -4.29 21.71
CA VAL B 263 -10.79 -4.22 21.59
C VAL B 263 -10.37 -2.82 21.22
N VAL B 264 -11.17 -2.25 20.28
CA VAL B 264 -10.89 -0.89 19.86
C VAL B 264 -11.07 0.08 21.03
N ILE B 265 -12.13 -0.05 21.86
CA ILE B 265 -12.25 0.89 22.99
C ILE B 265 -11.10 0.76 23.97
N PHE B 266 -10.64 -0.46 24.25
CA PHE B 266 -9.53 -0.74 25.12
C PHE B 266 -8.28 -0.02 24.65
N LEU B 267 -7.96 -0.18 23.35
CA LEU B 267 -6.78 0.50 22.81
C LEU B 267 -6.87 1.99 22.99
N CYS B 268 -8.11 2.55 22.99
CA CYS B 268 -8.29 3.98 23.15
C CYS B 268 -8.20 4.42 24.63
N SER B 269 -8.38 3.51 25.55
CA SER B 269 -8.30 3.83 26.98
C SER B 269 -6.92 4.19 27.50
N SER B 270 -6.85 5.05 28.53
CA SER B 270 -5.63 5.48 29.19
C SER B 270 -4.80 4.28 29.65
N LYS B 271 -5.40 3.13 29.86
CA LYS B 271 -4.67 1.94 30.30
C LYS B 271 -3.79 1.35 29.20
N ALA B 272 -4.10 1.65 27.95
CA ALA B 272 -3.25 1.10 26.84
C ALA B 272 -2.31 2.20 26.37
N LYS B 273 -1.98 3.13 27.30
CA LYS B 273 -1.15 4.27 27.07
C LYS B 273 0.27 4.02 26.59
N TYR B 274 0.81 2.82 26.79
CA TYR B 274 2.19 2.58 26.33
C TYR B 274 2.19 1.82 24.99
N ILE B 275 1.01 1.49 24.50
CA ILE B 275 0.87 0.76 23.24
C ILE B 275 0.77 1.70 22.04
N THR B 276 1.75 1.61 21.14
CA THR B 276 1.79 2.37 19.92
C THR B 276 2.46 1.58 18.75
N GLY B 277 2.02 1.89 17.54
CA GLY B 277 2.57 1.29 16.31
C GLY B 277 2.27 -0.19 16.15
N THR B 278 1.30 -0.74 16.86
CA THR B 278 1.00 -2.16 16.83
C THR B 278 -0.36 -2.50 16.26
N CYS B 279 -0.50 -3.67 15.64
CA CYS B 279 -1.76 -4.12 15.08
C CYS B 279 -2.24 -5.34 15.86
N VAL B 280 -3.41 -5.37 16.49
CA VAL B 280 -3.91 -6.49 17.27
C VAL B 280 -4.94 -7.32 16.48
N LYS B 281 -4.64 -8.58 16.25
CA LYS B 281 -5.61 -9.42 15.50
C LYS B 281 -6.77 -9.82 16.44
N VAL B 282 -7.98 -9.88 15.90
CA VAL B 282 -9.16 -10.31 16.67
C VAL B 282 -9.82 -11.25 15.66
N ASP B 283 -9.29 -12.45 15.56
CA ASP B 283 -9.67 -13.44 14.56
C ASP B 283 -10.00 -14.84 14.98
N GLY B 284 -10.14 -15.10 16.28
CA GLY B 284 -10.45 -16.45 16.75
C GLY B 284 -9.47 -17.51 16.34
N GLY B 285 -8.22 -17.09 15.98
CA GLY B 285 -7.19 -18.01 15.55
C GLY B 285 -7.22 -18.36 14.07
N TYR B 286 -8.03 -17.73 13.24
CA TYR B 286 -8.15 -18.10 11.81
C TYR B 286 -6.83 -17.89 11.05
N SER B 287 -6.10 -16.86 11.45
CA SER B 287 -4.77 -16.66 10.79
C SER B 287 -3.79 -17.76 11.11
N LEU B 288 -4.03 -18.62 12.11
CA LEU B 288 -3.16 -19.74 12.40
C LEU B 288 -3.40 -20.94 11.50
N THR B 289 -4.46 -20.87 10.66
CA THR B 289 -4.79 -22.00 9.81
C THR B 289 -4.09 -22.09 8.46
N ARG B 290 -4.14 -23.25 7.86
CA ARG B 290 -3.58 -23.48 6.52
C ARG B 290 -4.60 -24.28 5.68
N ALA B 291 -4.47 -24.28 4.38
CA ALA B 291 -5.34 -25.10 3.51
C ALA B 291 -5.02 -26.58 3.71
PA NDP C . 16.15 5.07 -7.70
O1A NDP C . 15.65 5.94 -6.61
O2A NDP C . 17.48 5.23 -8.20
O5B NDP C . 15.04 4.95 -8.78
C5B NDP C . 15.11 4.02 -9.86
C4B NDP C . 14.32 4.67 -10.96
O4B NDP C . 12.91 4.73 -10.79
C3B NDP C . 14.82 5.99 -11.54
O3B NDP C . 16.08 5.88 -12.27
C2B NDP C . 13.56 6.36 -12.37
O2B NDP C . 13.72 6.42 -13.77
C1B NDP C . 12.37 5.64 -11.72
N9A NDP C . 11.17 6.40 -11.45
C8A NDP C . 11.03 7.23 -10.39
N7A NDP C . 9.82 7.80 -10.48
C5A NDP C . 9.28 7.32 -11.61
C6A NDP C . 8.05 7.62 -12.16
N6A NDP C . 7.13 8.46 -11.67
N1A NDP C . 7.76 6.97 -13.31
C2A NDP C . 8.63 6.11 -13.89
N3A NDP C . 9.83 5.79 -13.40
C4A NDP C . 10.13 6.44 -12.25
O3 NDP C . 16.16 3.54 -7.10
PN NDP C . 17.32 2.62 -6.54
O1N NDP C . 17.88 3.33 -5.37
O2N NDP C . 18.15 2.17 -7.58
O5D NDP C . 16.46 1.33 -5.90
C5D NDP C . 15.90 0.40 -6.79
C4D NDP C . 14.69 -0.21 -6.06
O4D NDP C . 15.19 -0.72 -4.82
C3D NDP C . 13.58 0.76 -5.73
O3D NDP C . 12.28 0.12 -5.88
C2D NDP C . 13.84 1.13 -4.29
O2D NDP C . 12.71 1.58 -3.57
C1D NDP C . 14.46 -0.17 -3.72
N1N NDP C . 15.26 0.07 -2.52
C2N NDP C . 16.50 0.75 -2.69
C3N NDP C . 17.12 1.25 -1.55
C7N NDP C . 18.51 1.92 -1.63
O7N NDP C . 19.14 1.91 -0.57
N7N NDP C . 18.90 2.44 -2.79
C4N NDP C . 16.71 0.88 -0.24
C5N NDP C . 15.51 0.15 -0.05
C6N NDP C . 14.79 -0.15 -1.22
P2B NDP C . 14.46 7.67 -14.55
O1X NDP C . 13.44 8.74 -14.34
O2X NDP C . 15.74 7.89 -13.88
O3X NDP C . 14.53 7.10 -15.86
N1 MTX D . 15.36 5.35 -4.09
C2 MTX D . 14.14 4.65 -3.98
NA2 MTX D . 13.32 4.64 -5.03
N3 MTX D . 13.85 3.99 -2.79
C4 MTX D . 14.72 4.03 -1.76
NA4 MTX D . 14.49 3.43 -0.60
C4A MTX D . 15.95 4.74 -1.84
N5 MTX D . 16.84 4.78 -0.80
C6 MTX D . 18.01 5.48 -0.99
C7 MTX D . 18.31 6.16 -2.14
N8 MTX D . 17.42 6.11 -3.21
C8A MTX D . 16.24 5.40 -3.06
C9 MTX D . 19.02 5.54 0.19
N10 MTX D . 18.47 5.82 1.44
CM MTX D . 18.50 4.70 2.47
C11 MTX D . 17.92 9.53 3.24
C12 MTX D . 18.42 9.47 1.94
C13 MTX D . 18.60 8.21 1.35
C14 MTX D . 18.28 7.03 2.04
C15 MTX D . 17.77 7.15 3.35
C16 MTX D . 17.59 8.40 3.96
C MTX D . 17.75 10.81 3.83
O MTX D . 17.41 10.76 5.03
N MTX D . 17.33 11.77 2.98
CA MTX D . 16.47 12.89 3.09
CT MTX D . 16.92 13.87 2.02
O1 MTX D . 18.03 14.38 2.25
O2 MTX D . 16.14 14.06 1.06
CB MTX D . 16.35 13.57 4.44
CG MTX D . 15.81 12.92 5.68
CD MTX D . 14.49 13.42 6.21
OE1 MTX D . 13.53 13.65 5.42
OE2 MTX D . 14.37 13.56 7.46
C1 EDO E . 2.55 -4.29 5.17
O1 EDO E . 2.81 -4.58 6.56
C2 EDO E . 2.19 -5.54 4.36
O2 EDO E . 3.27 -6.51 4.49
C1 EDO F . 14.61 4.26 3.35
O1 EDO F . 15.14 3.54 2.24
C2 EDO F . 13.10 4.08 3.44
O2 EDO F . 12.80 2.89 4.18
PA NDP G . -18.23 -2.39 5.70
O1A NDP G . -19.60 -2.63 6.30
O2A NDP G . -18.01 -3.29 4.60
O5B NDP G . -18.06 -0.92 5.41
C5B NDP G . -18.10 0.02 6.52
C4B NDP G . -18.53 1.27 5.83
O4B NDP G . -17.53 2.04 5.17
C3B NDP G . -19.81 1.33 5.03
O3B NDP G . -20.98 1.24 5.89
C2B NDP G . -19.59 2.61 4.22
O2B NDP G . -20.43 3.75 4.48
C1B NDP G . -18.08 2.92 4.21
N9A NDP G . -17.52 3.20 2.88
C8A NDP G . -17.30 2.36 1.84
N7A NDP G . -16.78 3.03 0.81
C5A NDP G . -16.71 4.28 1.22
C6A NDP G . -16.24 5.37 0.50
N6A NDP G . -15.76 5.35 -0.78
N1A NDP G . -16.27 6.54 1.16
C2A NDP G . -16.71 6.65 2.42
N3A NDP G . -17.16 5.63 3.12
C4A NDP G . -17.16 4.42 2.53
O3 NDP G . -17.18 -2.67 6.88
PN NDP G . -17.16 -3.75 8.03
O1N NDP G . -17.36 -5.08 7.53
O2N NDP G . -18.02 -3.23 9.14
O5D NDP G . -15.61 -3.61 8.64
C5D NDP G . -15.14 -2.46 9.31
C4D NDP G . -13.64 -2.40 9.14
O4D NDP G . -13.20 -3.70 9.60
C3D NDP G . -13.22 -2.27 7.68
O3D NDP G . -12.07 -1.39 7.57
C2D NDP G . -12.92 -3.66 7.24
O2D NDP G . -11.95 -3.68 6.15
C1D NDP G . -12.43 -4.30 8.54
N1N NDP G . -12.53 -5.75 8.50
C2N NDP G . -13.80 -6.33 8.44
C3N NDP G . -13.94 -7.69 8.37
C7N NDP G . -15.29 -8.42 8.43
O7N NDP G . -15.28 -9.63 8.51
N7N NDP G . -16.35 -7.60 8.40
C4N NDP G . -12.81 -8.55 8.19
C5N NDP G . -11.53 -7.95 8.18
C6N NDP G . -11.38 -6.60 8.39
P2B NDP G . -21.98 3.94 4.04
O1X NDP G . -22.57 2.62 4.32
O2X NDP G . -22.47 5.04 4.90
O3X NDP G . -21.81 4.23 2.62
N1 MTX H . -16.07 -5.03 4.34
C2 MTX H . -14.82 -4.40 4.32
NA2 MTX H . -14.67 -3.10 4.12
N3 MTX H . -13.68 -5.18 4.53
C4 MTX H . -13.77 -6.53 4.75
NA4 MTX H . -12.67 -7.28 4.94
C4A MTX H . -15.03 -7.16 4.76
N5 MTX H . -15.12 -8.52 4.99
C6 MTX H . -16.38 -9.13 4.99
C7 MTX H . -17.52 -8.41 4.78
N8 MTX H . -17.42 -7.00 4.58
C8A MTX H . -16.18 -6.38 4.57
C9 MTX H . -16.43 -10.61 5.23
N10 MTX H . -15.47 -11.49 4.74
CM MTX H . -14.40 -11.89 5.77
C11 MTX H . -15.40 -14.04 1.38
C12 MTX H . -16.27 -12.92 1.43
C13 MTX H . -16.28 -12.10 2.56
C14 MTX H . -15.43 -12.34 3.66
C15 MTX H . -14.56 -13.44 3.56
C16 MTX H . -14.54 -14.29 2.44
C MTX H . -15.44 -14.84 0.20
O MTX H . -14.71 -15.83 0.25
N MTX H . -15.59 -14.19 -0.96
CA MTX H . -15.31 -14.00 -2.28
CT MTX H . -16.19 -12.90 -2.88
O1 MTX H . -16.58 -12.91 -4.05
O2 MTX H . -16.42 -12.01 -2.04
CB MTX H . -14.74 -14.82 -3.41
CG MTX H . -14.06 -13.92 -4.46
CD MTX H . -14.18 -14.17 -5.93
OE1 MTX H . -13.92 -15.31 -6.40
OE2 MTX H . -14.55 -13.17 -6.63
C1 EDO I . -11.37 -10.76 3.90
O1 EDO I . -11.09 -12.07 4.47
C2 EDO I . -10.26 -10.44 2.87
O2 EDO I . -9.03 -10.55 3.59
#